data_3ZRG
#
_entry.id   3ZRG
#
_cell.length_a   44.450
_cell.length_b   52.920
_cell.length_c   53.730
_cell.angle_alpha   90.00
_cell.angle_beta   90.00
_cell.angle_gamma   90.00
#
_symmetry.space_group_name_H-M   'P 21 21 21'
#
loop_
_entity.id
_entity.type
_entity.pdbx_description
1 polymer 'PEXRD2 FAMILY SECRETED RXLR EFFECTOR PEPTIDE, PUTATIVE'
2 non-polymer 'BROMIDE ION'
3 water water
#
_entity_poly.entity_id   1
_entity_poly.type   'polypeptide(L)'
_entity_poly.pdbx_seq_one_letter_code
;GPALNTEKMKTMLKAGMTVDDYAAKLKLTDKIAAAANSARAMEKLGETLKMKKLLRYLNYVAEHTAV
;
_entity_poly.pdbx_strand_id   A,B
#
# COMPACT_ATOMS: atom_id res chain seq x y z
N GLY A 1 -8.17 5.81 -13.63
CA GLY A 1 -8.35 4.74 -14.64
C GLY A 1 -9.84 4.41 -14.77
N PRO A 2 -10.24 3.78 -15.89
CA PRO A 2 -11.67 3.46 -16.14
C PRO A 2 -12.35 2.65 -15.00
N ALA A 3 -11.63 1.69 -14.45
CA ALA A 3 -12.20 0.77 -13.45
C ALA A 3 -12.07 1.28 -11.99
N LEU A 4 -11.28 2.32 -11.74
CA LEU A 4 -11.13 2.91 -10.42
C LEU A 4 -10.75 4.38 -10.55
N ASN A 5 -11.73 5.28 -10.66
CA ASN A 5 -11.48 6.74 -10.75
C ASN A 5 -11.65 7.53 -9.42
N THR A 6 -11.40 8.83 -9.51
CA THR A 6 -11.48 9.86 -8.45
CA THR A 6 -11.40 9.66 -8.31
C THR A 6 -12.75 9.75 -7.58
N GLU A 7 -13.85 9.71 -8.29
CA GLU A 7 -15.16 9.71 -7.65
CA GLU A 7 -15.15 9.72 -7.62
C GLU A 7 -15.44 8.36 -6.97
N LYS A 8 -14.94 7.28 -7.57
CA LYS A 8 -15.11 5.95 -6.98
CA LYS A 8 -15.09 5.95 -6.99
C LYS A 8 -14.30 5.85 -5.69
N MET A 9 -13.09 6.38 -5.72
CA MET A 9 -12.24 6.40 -4.50
C MET A 9 -12.83 7.25 -3.38
N LYS A 10 -13.49 8.35 -3.73
CA LYS A 10 -14.16 9.18 -2.74
C LYS A 10 -15.26 8.38 -2.05
N THR A 11 -16.00 7.61 -2.83
CA THR A 11 -17.06 6.74 -2.30
C THR A 11 -16.47 5.67 -1.36
N MET A 12 -15.38 5.06 -1.78
CA MET A 12 -14.65 4.07 -0.93
C MET A 12 -14.17 4.68 0.39
N LEU A 13 -13.60 5.88 0.32
CA LEU A 13 -13.11 6.56 1.54
C LEU A 13 -14.24 6.99 2.46
N LYS A 14 -15.33 7.49 1.90
CA LYS A 14 -16.57 7.80 2.70
C LYS A 14 -17.07 6.53 3.39
N ALA A 15 -16.92 5.38 2.72
CA ALA A 15 -17.37 4.10 3.28
C ALA A 15 -16.45 3.62 4.41
N GLY A 16 -15.32 4.30 4.58
CA GLY A 16 -14.31 3.89 5.57
C GLY A 16 -13.41 2.76 5.16
N MET A 17 -13.27 2.53 3.86
CA MET A 17 -12.40 1.49 3.38
CA MET A 17 -12.39 1.50 3.36
C MET A 17 -10.91 1.89 3.55
N THR A 18 -10.20 1.16 4.40
CA THR A 18 -8.78 1.34 4.49
C THR A 18 -8.03 0.73 3.25
N VAL A 19 -6.76 1.10 3.10
CA VAL A 19 -5.90 0.56 2.02
C VAL A 19 -5.86 -0.98 2.13
N ASP A 20 -5.63 -1.46 3.33
CA ASP A 20 -5.68 -2.90 3.63
C ASP A 20 -7.04 -3.54 3.37
N ASP A 21 -8.14 -2.85 3.69
CA ASP A 21 -9.47 -3.33 3.34
C ASP A 21 -9.59 -3.52 1.80
N TYR A 22 -9.12 -2.53 1.05
CA TYR A 22 -9.25 -2.60 -0.41
C TYR A 22 -8.35 -3.73 -0.96
N ALA A 23 -7.18 -3.93 -0.36
CA ALA A 23 -6.31 -5.05 -0.78
C ALA A 23 -7.06 -6.40 -0.56
N ALA A 24 -7.84 -6.50 0.52
CA ALA A 24 -8.60 -7.73 0.78
C ALA A 24 -9.74 -7.86 -0.24
N LYS A 25 -10.40 -6.75 -0.57
CA LYS A 25 -11.45 -6.81 -1.56
C LYS A 25 -10.89 -7.34 -2.88
N LEU A 26 -9.68 -6.90 -3.21
CA LEU A 26 -8.93 -7.32 -4.42
C LEU A 26 -8.30 -8.74 -4.35
N LYS A 27 -8.41 -9.37 -3.19
CA LYS A 27 -7.81 -10.70 -2.94
C LYS A 27 -6.29 -10.64 -3.16
N LEU A 28 -5.70 -9.58 -2.64
CA LEU A 28 -4.30 -9.31 -2.81
C LEU A 28 -3.46 -9.44 -1.52
N THR A 29 -4.11 -9.64 -0.38
CA THR A 29 -3.40 -9.54 0.90
CA THR A 29 -3.35 -9.50 0.86
C THR A 29 -2.28 -10.56 1.03
N ASP A 30 -2.58 -11.81 0.67
CA ASP A 30 -1.56 -12.84 0.75
C ASP A 30 -0.42 -12.65 -0.26
N LYS A 31 -0.74 -12.19 -1.47
CA LYS A 31 0.24 -11.90 -2.50
C LYS A 31 1.16 -10.77 -2.05
N ILE A 32 0.58 -9.80 -1.35
CA ILE A 32 1.35 -8.68 -0.77
C ILE A 32 2.35 -9.13 0.30
N ALA A 33 1.92 -10.08 1.15
CA ALA A 33 2.78 -10.69 2.13
C ALA A 33 3.93 -11.39 1.44
N ALA A 34 3.64 -12.09 0.34
CA ALA A 34 4.70 -12.85 -0.34
C ALA A 34 5.68 -11.87 -1.01
N ALA A 35 5.13 -10.79 -1.57
CA ALA A 35 5.92 -9.78 -2.26
C ALA A 35 6.89 -9.07 -1.32
N ALA A 36 6.50 -8.85 -0.06
CA ALA A 36 7.42 -8.23 0.92
C ALA A 36 8.67 -9.05 1.13
N ASN A 37 8.61 -10.37 0.92
CA ASN A 37 9.72 -11.24 1.12
C ASN A 37 10.49 -11.58 -0.14
N SER A 38 9.81 -11.69 -1.27
CA SER A 38 10.39 -12.28 -2.49
C SER A 38 10.44 -11.25 -3.60
N ALA A 39 11.63 -11.01 -4.16
CA ALA A 39 11.78 -10.10 -5.28
C ALA A 39 11.00 -10.60 -6.47
N ARG A 40 10.98 -11.91 -6.71
CA ARG A 40 10.21 -12.41 -7.82
C ARG A 40 8.71 -12.15 -7.64
N ALA A 41 8.18 -12.40 -6.44
CA ALA A 41 6.78 -12.17 -6.19
C ALA A 41 6.44 -10.68 -6.29
N MET A 42 7.35 -9.82 -5.80
CA MET A 42 7.18 -8.38 -5.89
C MET A 42 7.09 -7.89 -7.31
N GLU A 43 8.00 -8.37 -8.15
CA GLU A 43 8.05 -7.92 -9.55
C GLU A 43 6.79 -8.39 -10.25
N LYS A 44 6.33 -9.59 -9.93
CA LYS A 44 5.13 -10.11 -10.55
C LYS A 44 3.88 -9.32 -10.11
N LEU A 45 3.76 -9.02 -8.83
CA LEU A 45 2.64 -8.28 -8.30
C LEU A 45 2.61 -6.86 -8.90
N GLY A 46 3.80 -6.29 -9.09
CA GLY A 46 3.92 -4.90 -9.56
C GLY A 46 3.43 -4.72 -10.96
N GLU A 47 3.36 -5.80 -11.75
CA GLU A 47 2.88 -5.74 -13.12
C GLU A 47 1.34 -5.81 -13.19
N THR A 48 0.66 -6.05 -12.07
CA THR A 48 -0.79 -6.31 -12.09
C THR A 48 -1.66 -5.05 -12.05
N LEU A 49 -2.82 -5.16 -12.71
CA LEU A 49 -3.87 -4.14 -12.65
C LEU A 49 -4.34 -3.97 -11.21
N LYS A 50 -4.44 -5.08 -10.49
CA LYS A 50 -4.90 -5.01 -9.10
C LYS A 50 -3.98 -4.19 -8.23
N MET A 51 -2.67 -4.34 -8.38
CA MET A 51 -1.71 -3.55 -7.59
C MET A 51 -1.74 -2.08 -7.99
N LYS A 52 -1.91 -1.82 -9.28
CA LYS A 52 -2.02 -0.44 -9.78
C LYS A 52 -3.20 0.26 -9.08
N LYS A 53 -4.34 -0.43 -8.98
CA LYS A 53 -5.52 0.11 -8.34
C LYS A 53 -5.26 0.31 -6.88
N LEU A 54 -4.66 -0.69 -6.22
CA LEU A 54 -4.36 -0.58 -4.79
C LEU A 54 -3.47 0.65 -4.46
N LEU A 55 -2.42 0.83 -5.26
CA LEU A 55 -1.47 1.91 -5.01
C LEU A 55 -2.13 3.26 -5.34
N ARG A 56 -3.01 3.31 -6.35
CA ARG A 56 -3.81 4.48 -6.64
CA ARG A 56 -3.71 4.56 -6.59
C ARG A 56 -4.63 4.93 -5.42
N TYR A 57 -5.34 3.97 -4.86
CA TYR A 57 -6.17 4.21 -3.63
C TYR A 57 -5.31 4.66 -2.45
N LEU A 58 -4.15 4.06 -2.25
CA LEU A 58 -3.24 4.42 -1.16
C LEU A 58 -2.85 5.88 -1.26
N ASN A 59 -2.44 6.34 -2.46
CA ASN A 59 -2.06 7.75 -2.60
C ASN A 59 -3.26 8.67 -2.38
N TYR A 60 -4.44 8.23 -2.82
CA TYR A 60 -5.70 8.99 -2.62
C TYR A 60 -6.01 9.18 -1.15
N VAL A 61 -5.95 8.10 -0.39
CA VAL A 61 -6.20 8.20 1.03
C VAL A 61 -5.16 9.11 1.72
N ALA A 62 -3.87 8.97 1.37
CA ALA A 62 -2.86 9.87 1.94
C ALA A 62 -3.15 11.34 1.63
N GLU A 63 -3.58 11.64 0.41
CA GLU A 63 -3.88 13.02 0.07
C GLU A 63 -5.10 13.58 0.83
N HIS A 64 -6.01 12.70 1.26
CA HIS A 64 -7.16 13.12 2.08
C HIS A 64 -6.97 13.02 3.61
N THR A 65 -5.73 12.87 4.04
CA THR A 65 -5.37 12.89 5.47
CA THR A 65 -5.36 12.89 5.47
C THR A 65 -4.67 14.19 5.87
N ALA A 66 -4.87 14.61 7.12
CA ALA A 66 -4.21 15.84 7.58
C ALA A 66 -4.61 17.04 6.71
N GLY B 1 18.27 -2.07 12.56
CA GLY B 1 18.28 -1.91 11.07
C GLY B 1 17.05 -1.24 10.47
N PRO B 2 17.16 -0.78 9.20
CA PRO B 2 16.02 -0.16 8.50
C PRO B 2 14.84 -1.14 8.21
N ALA B 3 15.13 -2.45 8.13
CA ALA B 3 14.09 -3.46 7.85
C ALA B 3 13.16 -3.55 9.04
N LEU B 4 11.88 -3.88 8.78
CA LEU B 4 10.87 -4.02 9.86
C LEU B 4 11.01 -5.30 10.64
N ASN B 5 10.39 -5.32 11.83
CA ASN B 5 10.18 -6.50 12.69
C ASN B 5 8.79 -6.41 13.33
N THR B 6 8.27 -7.47 13.94
CA THR B 6 6.89 -7.41 14.42
C THR B 6 6.65 -6.49 15.63
N GLU B 7 7.65 -6.30 16.50
CA GLU B 7 7.49 -5.36 17.60
CA GLU B 7 7.55 -5.36 17.62
C GLU B 7 7.43 -3.91 17.10
N LYS B 8 8.23 -3.57 16.08
CA LYS B 8 8.16 -2.24 15.43
C LYS B 8 6.73 -2.01 14.88
N MET B 9 6.22 -3.02 14.21
CA MET B 9 4.89 -2.94 13.55
C MET B 9 3.76 -2.84 14.59
N LYS B 10 3.89 -3.55 15.70
CA LYS B 10 2.93 -3.47 16.83
C LYS B 10 2.87 -2.05 17.39
N THR B 11 4.05 -1.46 17.58
CA THR B 11 4.17 -0.11 18.09
C THR B 11 3.48 0.89 17.13
N MET B 12 3.71 0.71 15.83
CA MET B 12 3.14 1.61 14.83
CA MET B 12 3.14 1.62 14.83
C MET B 12 1.61 1.50 14.85
N LEU B 13 1.10 0.28 14.92
CA LEU B 13 -0.33 0.06 14.90
C LEU B 13 -0.98 0.65 16.17
N LYS B 14 -0.35 0.46 17.33
CA LYS B 14 -0.83 1.11 18.57
C LYS B 14 -0.89 2.63 18.51
N ALA B 15 0.00 3.22 17.74
CA ALA B 15 0.06 4.67 17.58
C ALA B 15 -0.97 5.14 16.52
N GLY B 16 -1.68 4.20 15.90
CA GLY B 16 -2.72 4.54 14.90
C GLY B 16 -2.18 4.88 13.54
N MET B 17 -0.99 4.36 13.23
CA MET B 17 -0.39 4.58 11.93
CA MET B 17 -0.39 4.57 11.93
C MET B 17 -1.11 3.71 10.90
N THR B 18 -1.79 4.34 9.97
CA THR B 18 -2.45 3.57 8.90
C THR B 18 -1.40 3.18 7.86
N VAL B 19 -1.79 2.37 6.89
CA VAL B 19 -0.85 1.93 5.84
C VAL B 19 -0.42 3.14 5.00
N ASP B 20 -1.36 4.00 4.64
CA ASP B 20 -1.01 5.18 3.87
C ASP B 20 -0.21 6.16 4.72
N ASP B 21 -0.46 6.26 6.03
CA ASP B 21 0.37 7.12 6.93
C ASP B 21 1.83 6.64 6.82
N TYR B 22 2.03 5.32 6.79
CA TYR B 22 3.37 4.73 6.76
C TYR B 22 4.05 5.00 5.44
N ALA B 23 3.29 4.94 4.32
CA ALA B 23 3.81 5.33 3.02
C ALA B 23 4.30 6.77 3.04
N ALA B 24 3.56 7.65 3.71
CA ALA B 24 3.93 9.05 3.80
C ALA B 24 5.19 9.21 4.68
N LYS B 25 5.25 8.48 5.79
CA LYS B 25 6.43 8.51 6.68
C LYS B 25 7.70 8.08 5.94
N LEU B 26 7.57 7.08 5.07
CA LEU B 26 8.65 6.57 4.23
C LEU B 26 8.94 7.47 3.03
N LYS B 27 8.13 8.51 2.83
CA LYS B 27 8.24 9.39 1.67
C LYS B 27 8.16 8.60 0.35
N LEU B 28 7.14 7.77 0.24
CA LEU B 28 6.95 6.89 -0.90
C LEU B 28 5.82 7.30 -1.88
N THR B 29 4.95 8.20 -1.45
CA THR B 29 3.71 8.46 -2.22
C THR B 29 4.02 9.13 -3.54
N ASP B 30 4.98 10.03 -3.58
CA ASP B 30 5.38 10.63 -4.85
C ASP B 30 5.96 9.56 -5.77
N LYS B 31 6.79 8.68 -5.22
CA LYS B 31 7.43 7.63 -6.02
C LYS B 31 6.42 6.62 -6.57
N ILE B 32 5.40 6.35 -5.78
CA ILE B 32 4.31 5.45 -6.19
C ILE B 32 3.57 6.06 -7.37
N ALA B 33 3.30 7.36 -7.30
CA ALA B 33 2.60 8.01 -8.40
C ALA B 33 3.44 7.94 -9.67
N ALA B 34 4.74 8.12 -9.51
CA ALA B 34 5.62 8.28 -10.66
C ALA B 34 5.84 6.97 -11.40
N ALA B 35 5.69 5.88 -10.68
CA ALA B 35 6.01 4.53 -11.20
C ALA B 35 4.79 3.86 -11.88
N ALA B 36 3.62 4.50 -11.76
CA ALA B 36 2.35 3.95 -12.29
C ALA B 36 2.31 3.78 -13.79
N ASN B 37 3.14 4.48 -14.54
CA ASN B 37 3.06 4.26 -15.99
C ASN B 37 4.34 3.69 -16.61
N SER B 38 5.29 3.30 -15.75
CA SER B 38 6.54 2.69 -16.21
C SER B 38 6.77 1.32 -15.57
N ALA B 39 6.84 0.25 -16.39
CA ALA B 39 7.25 -1.09 -15.91
C ALA B 39 8.58 -1.00 -15.16
N ARG B 40 9.57 -0.36 -15.80
CA ARG B 40 10.92 -0.26 -15.24
C ARG B 40 10.89 0.42 -13.88
N ALA B 41 10.17 1.56 -13.79
CA ALA B 41 10.08 2.35 -12.57
C ALA B 41 9.41 1.59 -11.43
N MET B 42 8.34 0.89 -11.79
CA MET B 42 7.68 0.04 -10.82
C MET B 42 8.59 -1.08 -10.35
N GLU B 43 9.33 -1.71 -11.27
CA GLU B 43 10.27 -2.77 -10.92
C GLU B 43 11.33 -2.23 -9.96
N LYS B 44 11.93 -1.08 -10.31
CA LYS B 44 12.91 -0.41 -9.41
C LYS B 44 12.34 -0.11 -8.03
N LEU B 45 11.13 0.46 -8.01
CA LEU B 45 10.49 0.79 -6.75
C LEU B 45 10.27 -0.44 -5.86
N GLY B 46 9.81 -1.52 -6.50
CA GLY B 46 9.61 -2.80 -5.78
C GLY B 46 10.91 -3.41 -5.23
N GLU B 47 12.04 -3.04 -5.81
CA GLU B 47 13.36 -3.49 -5.34
C GLU B 47 13.85 -2.75 -4.11
N THR B 48 13.22 -1.63 -3.77
CA THR B 48 13.62 -0.87 -2.60
C THR B 48 13.12 -1.45 -1.27
N LEU B 49 13.99 -1.35 -0.26
CA LEU B 49 13.64 -1.78 1.10
C LEU B 49 12.39 -1.05 1.60
N LYS B 50 12.26 0.23 1.28
CA LYS B 50 11.07 1.01 1.66
C LYS B 50 9.78 0.38 1.17
N MET B 51 9.75 -0.03 -0.08
CA MET B 51 8.55 -0.67 -0.58
C MET B 51 8.29 -2.00 0.13
N LYS B 52 9.33 -2.77 0.39
CA LYS B 52 9.15 -4.05 1.04
CA LYS B 52 9.16 -4.05 1.06
C LYS B 52 8.58 -3.83 2.46
N LYS B 53 9.06 -2.80 3.17
CA LYS B 53 8.56 -2.48 4.53
C LYS B 53 7.10 -2.07 4.46
N LEU B 54 6.74 -1.28 3.47
CA LEU B 54 5.36 -0.86 3.30
C LEU B 54 4.43 -2.04 3.10
N LEU B 55 4.83 -2.95 2.24
CA LEU B 55 3.99 -4.12 1.98
C LEU B 55 3.89 -5.06 3.20
N ARG B 56 4.98 -5.19 3.97
CA ARG B 56 4.95 -6.03 5.18
C ARG B 56 3.95 -5.43 6.17
N TYR B 57 4.01 -4.11 6.33
CA TYR B 57 3.09 -3.38 7.24
C TYR B 57 1.65 -3.50 6.78
N LEU B 58 1.42 -3.45 5.47
CA LEU B 58 0.06 -3.58 4.95
C LEU B 58 -0.53 -4.92 5.38
N ASN B 59 0.22 -6.00 5.20
CA ASN B 59 -0.27 -7.29 5.62
C ASN B 59 -0.42 -7.37 7.16
N TYR B 60 0.53 -6.83 7.90
CA TYR B 60 0.44 -6.78 9.37
C TYR B 60 -0.88 -6.11 9.85
N VAL B 61 -1.14 -4.90 9.35
CA VAL B 61 -2.38 -4.19 9.67
C VAL B 61 -3.61 -5.00 9.25
N ALA B 62 -3.56 -5.65 8.10
CA ALA B 62 -4.67 -6.48 7.66
C ALA B 62 -5.00 -7.59 8.65
N GLU B 63 -3.97 -8.16 9.29
CA GLU B 63 -4.18 -9.26 10.26
C GLU B 63 -4.25 -8.83 11.75
N HIS B 64 -4.04 -7.56 12.08
CA HIS B 64 -4.02 -7.09 13.51
C HIS B 64 -4.84 -5.82 13.82
N THR B 65 -5.16 -5.65 15.12
CA THR B 65 -5.81 -4.42 15.65
C THR B 65 -5.05 -3.83 16.88
#